data_9NDT
#
_entry.id   9NDT
#
_cell.length_a   1.00
_cell.length_b   1.00
_cell.length_c   1.00
_cell.angle_alpha   90.00
_cell.angle_beta   90.00
_cell.angle_gamma   90.00
#
_symmetry.space_group_name_H-M   'P 1'
#
loop_
_entity.id
_entity.type
_entity.pdbx_description
1 polymer 'DNA primase'
2 polymer 'DNA replication helicase'
#
loop_
_entity_poly.entity_id
_entity_poly.type
_entity_poly.pdbx_seq_one_letter_code
_entity_poly.pdbx_strand_id
1 'polypeptide(L)'
;PVEVTALYATDGCVITSSIALLTNSLLGAEPVYIFSYDAYTHDGRADGPTEQDRFEESRALYQASGGLNGDSFRVTFCLL
GTEVGGTHQARGRTRPMFVCRFERADDVAALQDALAHGTPLQPDHIAATLDAEATFALHANMILALTVAINNASPRTGRD
AAAAQYDQGASLRSLVGRTSLGQRGLTTLYVHHEVRVLAAYRRAYYGSAQSPFWFLSKFGPDEKSLVLTTRYYLLQAQRL
GGAGATYDLQAIKDICATYAIPHAPRPDTVSAASLTSFAAITRFCCTSQYARGAAAAGFPLYVERRIAADVRETSALEKF
ITHDRSCLRVSDREFITYIYLAHFECFSPPRLATHLRAVTTHDPNPAASTEQPSPLGREAVEQFFCHVRAQLNIGEYVKH
NVTPRETVLDGDTAKAYLRARTYAPGALTPAPAYCGAVDSATKMMGRLADAEKLLVPRGWPAFAPASPGEDTAGGTPPPQ
TCGIVKRLLRLAATEQQGPTPPAIAALIRNAAVQTPLPVYRISMVPTGQAFAALAWDDWARITRDARLAEAVVSAEAAAH
PDHGALGRRLTDRIRAQGPVMPPGGLDAGGQMYVNRNEIFNGALAITNIILDLDIALKEPVPFRRLHEALGHFRRGALAA
VQLLFPAARVDPDAYPCYFFKSACRPGPASVGSGSGLGNDDDGDWFPCYDDAGDEEWAEDPGAMDTSHDPPDDEVAYFDL
CHEVGPTAEPRETDSPVCSCTDKIGLRVCMPVPAPYVVHGSLTMRGVARVIQQAVLLDRDFVEAIGSYVKNFLLIDTGVY
AHGHSLRLPYFAKIAPDGPACGRLLPVFVIPPACKDVPAFVAAHADPRRFHFHAPPTYLASPREIRVLHSLGGDYV
;
A
2 'polypeptide(L)'
;NFTSMHGVQPILKRIRELSQQQLDGAQVPHLQWFRDVAALESPAGLPLREFPFAVYLITGNAGSGKSTCVQTINEVLDCV
VTGATRIAAQNMYAKLSGAFLSRPINTIFHEFGFRGNHVQAQLGQYPYTLTSNPASLEDLQRRDLTYYWEVILDLTKRAL
AASGGEELRNEFRALAALERTLGLAEGALTRLAPATHGALPAFTRSNVIVIDEAGLLGRHLLTAVVYCWWMINALYHTPQ
YAARLRPVLVCVGSPTQTASLESTFEHQKLRCSVRQSENVLTYLICNRTLREYARLSYSWAIFINNKRCVEHEFGNLMKV
LEYGLPITEEHMQFVDRFVVPENYITNPANLPGWTRLFSSHKEVSAYMAKLHAYLKVTREGEFVVFTLPVLTFVSVKEFD
EYRRLTHQPGLTIEKWLTANASRITNYSQSQDQDAGHMRCEVHSKQQLVVARNDVTYVLNSQIAVTARLRKLVFGFSGTF
RAFEAVLRDDSFVKTQGETSVEFAYRFLSRLIFSGLISFYNFLQRPGLDATQRTLAYARMGELTAEILSLRPKSSGVPTQ
ASVMADAGAPGERAFDFKQLGPRDGGPDDFPDDDLDVIFAGLDEQQLDVFYCHYTPGEPETTAAVHTQFALLKRAFLGRF
RILQELFGEAFEVAPFSTYVDNVIFRGCEMLTGSPRGGLMSVALQTDNYTLMGYTYARVFAFADELRRRHATANVAELLE
EAPLPYVVLRDQHGFMSVVNTNISEFVESIDSTELAMAINADYGISSKLAMTITRSQGLSLDKVAICFTPGNLRLNSAYV
AMSRTTSSEFLRMNLNPLRERHERDDVISEHILSALRDPNVVIVY
;
B
#
# COMPACT_ATOMS: atom_id res chain seq x y z
N PRO A 1 -10.77 -9.04 38.96
CA PRO A 1 -11.73 -8.83 37.88
C PRO A 1 -11.21 -9.30 36.52
N VAL A 2 -12.02 -9.11 35.48
CA VAL A 2 -11.60 -9.44 34.12
C VAL A 2 -10.61 -8.40 33.64
N GLU A 3 -9.73 -8.79 32.71
CA GLU A 3 -8.70 -7.90 32.20
C GLU A 3 -9.29 -7.01 31.12
N VAL A 4 -9.37 -5.71 31.39
CA VAL A 4 -9.95 -4.74 30.47
C VAL A 4 -8.99 -3.58 30.29
N THR A 5 -9.23 -2.82 29.23
CA THR A 5 -8.37 -1.69 28.88
C THR A 5 -9.23 -0.45 28.72
N ALA A 6 -8.64 0.71 29.02
CA ALA A 6 -9.36 1.97 29.07
C ALA A 6 -8.58 3.02 28.29
N LEU A 7 -9.30 3.99 27.74
CA LEU A 7 -8.69 5.08 26.98
C LEU A 7 -8.87 6.35 27.82
N TYR A 8 -7.76 6.86 28.34
CA TYR A 8 -7.77 8.01 29.23
C TYR A 8 -8.27 9.26 28.52
N ALA A 9 -8.94 10.12 29.27
CA ALA A 9 -9.38 11.43 28.78
C ALA A 9 -9.56 12.36 29.97
N THR A 10 -9.58 13.66 29.69
CA THR A 10 -9.77 14.67 30.72
C THR A 10 -10.21 15.97 30.07
N ASP A 11 -11.20 16.63 30.66
CA ASP A 11 -11.70 17.90 30.14
C ASP A 11 -10.64 18.99 30.10
N GLY A 12 -9.83 19.12 31.14
CA GLY A 12 -8.87 20.21 31.20
C GLY A 12 -7.41 19.83 31.09
N CYS A 13 -6.79 20.15 29.96
CA CYS A 13 -5.34 20.13 29.81
C CYS A 13 -4.71 18.80 30.20
N VAL A 14 -5.00 17.75 29.45
CA VAL A 14 -4.43 16.43 29.72
C VAL A 14 -2.91 16.51 29.67
N ILE A 15 -2.26 16.35 30.83
CA ILE A 15 -0.81 16.42 30.97
C ILE A 15 -0.37 15.52 32.12
N THR A 16 0.95 15.49 32.37
CA THR A 16 1.50 14.64 33.42
C THR A 16 1.01 15.04 34.81
N SER A 17 0.87 16.34 35.08
CA SER A 17 0.41 16.74 36.41
C SER A 17 -1.01 16.26 36.67
N SER A 18 -1.88 16.33 35.64
CA SER A 18 -3.19 15.70 35.73
C SER A 18 -3.09 14.19 35.87
N ILE A 19 -2.06 13.59 35.28
CA ILE A 19 -1.79 12.16 35.44
C ILE A 19 -1.23 11.93 36.85
N ALA A 20 -0.76 13.01 37.47
CA ALA A 20 -0.22 12.99 38.84
C ALA A 20 1.03 12.16 38.94
N LEU A 21 0.91 10.92 39.40
CA LEU A 21 2.05 10.02 39.53
C LEU A 21 2.03 8.95 38.45
N PRO A 31 -9.05 14.15 37.06
CA PRO A 31 -9.45 12.74 37.16
C PRO A 31 -9.58 12.08 35.79
N VAL A 32 -9.68 10.75 35.78
CA VAL A 32 -9.79 10.02 34.53
C VAL A 32 -11.18 10.22 33.93
N TYR A 33 -11.26 10.17 32.60
CA TYR A 33 -12.53 10.17 31.90
C TYR A 33 -12.54 8.96 30.95
N ILE A 34 -12.97 7.82 31.46
CA ILE A 34 -13.04 6.60 30.66
C ILE A 34 -14.30 6.65 29.81
N PHE A 35 -14.14 6.58 28.49
CA PHE A 35 -15.27 6.50 27.59
C PHE A 35 -15.17 5.34 26.60
N SER A 36 -14.20 4.45 26.80
CA SER A 36 -14.16 3.19 26.06
C SER A 36 -13.65 2.08 26.97
N TYR A 37 -14.56 1.32 27.57
CA TYR A 37 -14.19 0.26 28.51
C TYR A 37 -14.16 -1.12 27.85
N THR A 50 -15.44 -21.33 19.29
CA THR A 50 -14.48 -20.48 18.59
C THR A 50 -15.14 -19.20 18.10
N GLU A 51 -16.32 -19.34 17.50
CA GLU A 51 -17.10 -18.18 17.07
C GLU A 51 -18.34 -18.06 17.95
N GLN A 52 -19.12 -19.14 18.00
CA GLN A 52 -20.24 -19.20 18.93
C GLN A 52 -19.79 -18.92 20.35
N ASP A 53 -18.78 -19.64 20.82
CA ASP A 53 -18.25 -19.42 22.16
C ASP A 53 -17.70 -18.01 22.28
N ARG A 54 -17.08 -17.49 21.22
CA ARG A 54 -16.48 -16.17 21.32
C ARG A 54 -17.52 -15.10 21.60
N PHE A 55 -18.60 -15.04 20.81
CA PHE A 55 -19.54 -13.98 21.15
C PHE A 55 -20.34 -14.29 22.40
N GLU A 56 -20.52 -15.57 22.75
CA GLU A 56 -21.18 -15.87 24.02
C GLU A 56 -20.39 -15.29 25.19
N GLU A 57 -19.09 -15.56 25.26
CA GLU A 57 -18.29 -15.00 26.36
C GLU A 57 -18.22 -13.48 26.27
N SER A 58 -18.10 -12.93 25.05
CA SER A 58 -18.00 -11.48 24.93
C SER A 58 -19.28 -10.80 25.41
N ARG A 59 -20.44 -11.38 25.12
CA ARG A 59 -21.68 -10.89 25.71
C ARG A 59 -21.68 -11.07 27.22
N ALA A 60 -21.17 -12.21 27.69
CA ALA A 60 -21.15 -12.47 29.13
C ALA A 60 -20.33 -11.42 29.88
N LEU A 61 -19.32 -10.85 29.21
CA LEU A 61 -18.58 -9.75 29.82
C LEU A 61 -19.47 -8.53 30.03
N TYR A 62 -20.36 -8.24 29.09
CA TYR A 62 -21.21 -7.06 29.15
C TYR A 62 -22.54 -7.44 29.81
N GLN A 63 -23.36 -6.41 30.05
CA GLN A 63 -24.67 -6.61 30.67
C GLN A 63 -25.72 -5.71 30.03
N ALA A 64 -26.88 -5.60 30.67
CA ALA A 64 -27.96 -4.77 30.15
C ALA A 64 -28.82 -4.23 31.29
N LEU A 79 -4.33 6.87 26.45
CA LEU A 79 -3.71 7.98 25.72
C LEU A 79 -3.25 7.54 24.34
N LEU A 80 -3.59 8.34 23.34
CA LEU A 80 -3.15 8.07 21.97
C LEU A 80 -1.65 8.22 21.86
N GLY A 81 -0.98 7.18 21.36
CA GLY A 81 0.47 7.21 21.23
C GLY A 81 1.03 5.95 20.60
N THR A 82 2.08 6.09 19.80
CA THR A 82 2.69 4.96 19.12
C THR A 82 3.96 4.54 19.84
N GLU A 83 4.11 3.24 20.06
CA GLU A 83 5.30 2.70 20.72
C GLU A 83 6.54 2.90 19.86
N ARG A 91 1.43 0.24 13.56
CA ARG A 91 1.85 0.88 14.79
C ARG A 91 0.81 0.71 15.89
N GLY A 92 1.25 0.83 17.14
CA GLY A 92 0.33 0.82 18.25
C GLY A 92 -0.42 2.13 18.36
N ARG A 93 -1.72 2.11 18.10
CA ARG A 93 -2.49 3.35 18.06
C ARG A 93 -2.65 3.96 19.44
N THR A 94 -2.49 3.16 20.50
CA THR A 94 -2.68 3.62 21.87
C THR A 94 -1.66 2.95 22.77
N ARG A 95 -1.13 3.71 23.73
CA ARG A 95 -0.19 3.17 24.70
C ARG A 95 -0.70 3.42 26.12
N PRO A 96 -0.62 2.43 27.01
CA PRO A 96 -1.09 2.64 28.38
C PRO A 96 -0.19 3.61 29.14
N MET A 97 -0.79 4.29 30.13
CA MET A 97 -0.02 5.21 30.97
C MET A 97 0.27 4.59 32.33
N PHE A 98 -0.74 3.94 32.93
CA PHE A 98 -0.61 3.35 34.26
C PHE A 98 -1.57 2.18 34.37
N VAL A 99 -1.52 1.51 35.53
CA VAL A 99 -2.40 0.39 35.83
C VAL A 99 -2.97 0.58 37.23
N CYS A 100 -4.16 0.03 37.46
CA CYS A 100 -4.78 0.09 38.78
C CYS A 100 -5.60 -1.17 39.04
N ALA A 110 -17.77 -0.06 42.06
CA ALA A 110 -16.85 1.06 42.14
C ALA A 110 -16.49 1.57 40.74
N LEU A 111 -16.05 0.65 39.89
CA LEU A 111 -15.69 0.96 38.51
C LEU A 111 -16.83 0.70 37.54
N GLN A 112 -17.72 -0.24 37.84
CA GLN A 112 -18.79 -0.58 36.90
C GLN A 112 -19.72 0.60 36.67
N ASP A 113 -20.05 1.34 37.74
CA ASP A 113 -20.95 2.48 37.62
C ASP A 113 -20.40 3.59 36.74
N ALA A 114 -19.07 3.69 36.58
CA ALA A 114 -18.49 4.70 35.70
C ALA A 114 -18.79 4.44 34.25
N LEU A 115 -19.32 3.27 33.91
CA LEU A 115 -19.64 2.89 32.54
C LEU A 115 -21.11 3.10 32.21
N ALA A 116 -21.91 3.58 33.17
CA ALA A 116 -23.33 3.82 32.95
C ALA A 116 -23.66 5.28 33.17
N HIS A 117 -22.78 5.99 33.90
CA HIS A 117 -22.92 7.41 34.11
C HIS A 117 -21.73 8.22 33.57
N GLY A 118 -20.60 7.58 33.31
CA GLY A 118 -19.42 8.32 32.90
C GLY A 118 -18.85 9.21 33.99
N THR A 119 -18.93 8.77 35.23
CA THR A 119 -18.39 9.56 36.33
C THR A 119 -16.86 9.50 36.33
N PRO A 120 -16.18 10.61 36.57
CA PRO A 120 -14.72 10.56 36.72
C PRO A 120 -14.30 9.72 37.93
N LEU A 121 -13.17 9.02 37.83
CA LEU A 121 -12.66 8.25 38.96
C LEU A 121 -11.49 9.01 39.57
N GLN A 122 -11.77 9.65 40.71
CA GLN A 122 -10.75 10.42 41.40
C GLN A 122 -9.69 9.48 41.98
N PRO A 123 -8.43 9.93 42.10
CA PRO A 123 -7.33 9.12 42.64
C PRO A 123 -7.63 8.59 44.05
N TYR A 205 4.18 9.97 24.46
CA TYR A 205 2.75 9.99 24.18
C TYR A 205 2.41 11.10 23.19
N TYR A 206 1.25 10.99 22.54
CA TYR A 206 0.85 12.00 21.57
C TYR A 206 -0.61 12.39 21.74
N GLY A 207 -1.37 11.72 22.59
CA GLY A 207 -2.78 12.02 22.75
C GLY A 207 -3.07 13.02 23.85
N SER A 208 -2.05 13.80 24.22
CA SER A 208 -2.21 14.80 25.27
C SER A 208 -3.04 16.00 24.84
N ALA A 209 -3.37 16.12 23.55
CA ALA A 209 -4.08 17.29 23.03
C ALA A 209 -5.40 16.89 22.37
N GLN A 210 -6.05 15.85 22.87
CA GLN A 210 -7.31 15.42 22.28
C GLN A 210 -8.39 16.45 22.50
N SER A 211 -9.32 16.55 21.55
CA SER A 211 -10.42 17.50 21.58
C SER A 211 -11.76 16.79 21.39
N PRO A 212 -12.84 17.32 21.96
CA PRO A 212 -14.16 16.72 21.67
C PRO A 212 -14.59 16.92 20.22
N PHE A 213 -14.32 18.10 19.65
CA PHE A 213 -14.60 18.31 18.23
C PHE A 213 -13.77 17.38 17.37
N TRP A 214 -12.50 17.20 17.72
CA TRP A 214 -11.67 16.15 17.13
C TRP A 214 -12.38 14.80 17.04
N PHE A 215 -12.80 14.26 18.18
CA PHE A 215 -13.39 12.93 18.18
C PHE A 215 -14.69 12.90 17.39
N LEU A 216 -15.53 13.93 17.57
CA LEU A 216 -16.80 13.98 16.85
C LEU A 216 -16.59 13.98 15.34
N SER A 217 -15.63 14.77 14.86
CA SER A 217 -15.40 14.87 13.43
C SER A 217 -14.71 13.63 12.89
N LYS A 218 -13.71 13.13 13.62
CA LYS A 218 -12.85 12.07 13.08
C LYS A 218 -13.56 10.72 13.14
N PHE A 219 -14.46 10.53 14.11
CA PHE A 219 -15.17 9.28 14.25
C PHE A 219 -16.63 9.41 13.84
N GLY A 220 -16.92 10.38 12.97
CA GLY A 220 -18.24 10.52 12.40
C GLY A 220 -19.24 11.10 13.38
N PRO A 221 -20.30 11.72 12.84
CA PRO A 221 -21.36 12.22 13.72
C PRO A 221 -22.32 11.12 14.13
N ASP A 222 -22.27 10.00 13.41
CA ASP A 222 -23.13 8.87 13.72
C ASP A 222 -22.72 8.24 15.05
N GLU A 223 -23.72 7.95 15.89
CA GLU A 223 -23.44 7.39 17.20
C GLU A 223 -22.81 5.99 17.10
N LYS A 224 -23.34 5.16 16.21
CA LYS A 224 -22.81 3.81 16.06
C LYS A 224 -21.36 3.85 15.63
N SER A 225 -21.04 4.70 14.67
CA SER A 225 -19.64 4.89 14.28
C SER A 225 -18.82 5.39 15.47
N LEU A 226 -19.28 6.48 16.10
CA LEU A 226 -18.53 7.11 17.18
C LEU A 226 -18.19 6.15 18.31
N VAL A 227 -19.04 5.15 18.56
CA VAL A 227 -18.76 4.18 19.60
C VAL A 227 -17.94 3.01 19.05
N LEU A 228 -18.51 2.27 18.10
CA LEU A 228 -17.91 1.02 17.67
C LEU A 228 -16.59 1.24 16.95
N THR A 229 -16.54 2.19 16.00
CA THR A 229 -15.32 2.40 15.24
C THR A 229 -14.19 2.86 16.15
N THR A 230 -14.48 3.77 17.09
CA THR A 230 -13.47 4.20 18.04
C THR A 230 -12.97 3.03 18.87
N ARG A 231 -13.89 2.24 19.43
CA ARG A 231 -13.51 1.14 20.28
C ARG A 231 -12.65 0.12 19.54
N TYR A 232 -13.02 -0.20 18.30
CA TYR A 232 -12.29 -1.19 17.54
C TYR A 232 -10.94 -0.68 17.08
N TYR A 233 -10.90 0.55 16.55
CA TYR A 233 -9.68 1.07 15.95
C TYR A 233 -8.63 1.36 17.01
N LEU A 234 -9.05 2.00 18.11
CA LEU A 234 -8.07 2.36 19.13
C LEU A 234 -7.66 1.18 20.00
N LEU A 235 -8.58 0.25 20.29
CA LEU A 235 -8.31 -0.80 21.26
C LEU A 235 -8.38 -2.20 20.69
N GLN A 236 -9.49 -2.57 20.06
CA GLN A 236 -9.72 -3.98 19.71
C GLN A 236 -8.84 -4.46 18.57
N ALA A 237 -8.50 -3.59 17.61
CA ALA A 237 -7.76 -4.01 16.43
C ALA A 237 -6.41 -4.60 16.79
N GLN A 238 -5.67 -3.94 17.70
CA GLN A 238 -4.35 -4.43 18.07
C GLN A 238 -4.44 -5.66 18.98
N ARG A 239 -5.33 -5.63 19.96
CA ARG A 239 -5.38 -6.73 20.94
C ARG A 239 -5.93 -8.00 20.30
N LEU A 240 -6.73 -7.87 19.26
CA LEU A 240 -7.38 -9.02 18.64
C LEU A 240 -6.70 -9.43 17.33
N GLY A 241 -5.91 -8.55 16.73
CA GLY A 241 -5.20 -8.92 15.52
C GLY A 241 -6.13 -9.07 14.34
N GLY A 242 -5.81 -10.01 13.46
CA GLY A 242 -6.60 -10.23 12.27
C GLY A 242 -6.23 -9.27 11.15
N ALA A 243 -7.02 -9.35 10.08
CA ALA A 243 -6.79 -8.47 8.94
C ALA A 243 -7.09 -7.02 9.28
N GLY A 244 -8.16 -6.77 10.05
CA GLY A 244 -8.56 -5.42 10.35
C GLY A 244 -7.54 -4.61 11.13
N ALA A 245 -6.53 -5.29 11.72
CA ALA A 245 -5.48 -4.57 12.40
C ALA A 245 -4.64 -3.73 11.44
N THR A 246 -4.70 -4.04 10.14
CA THR A 246 -3.92 -3.32 9.15
C THR A 246 -4.72 -2.30 8.35
N TYR A 247 -6.05 -2.34 8.42
CA TYR A 247 -6.86 -1.37 7.72
C TYR A 247 -6.89 -0.04 8.47
N ASP A 248 -6.85 1.04 7.72
CA ASP A 248 -6.87 2.37 8.31
C ASP A 248 -8.26 2.72 8.81
N LEU A 249 -8.37 3.89 9.46
CA LEU A 249 -9.61 4.26 10.13
C LEU A 249 -10.77 4.39 9.16
N GLN A 250 -10.52 4.95 7.98
CA GLN A 250 -11.60 5.16 7.03
C GLN A 250 -12.16 3.84 6.54
N ALA A 251 -11.31 2.82 6.41
CA ALA A 251 -11.80 1.49 6.08
C ALA A 251 -12.72 0.96 7.19
N ILE A 252 -12.35 1.19 8.45
CA ILE A 252 -13.18 0.74 9.57
C ILE A 252 -14.53 1.45 9.55
N LYS A 253 -14.52 2.75 9.24
CA LYS A 253 -15.79 3.47 9.12
C LYS A 253 -16.62 2.95 7.96
N ASP A 254 -15.98 2.60 6.85
CA ASP A 254 -16.72 2.07 5.71
C ASP A 254 -17.33 0.71 6.04
N ILE A 255 -16.64 -0.10 6.85
CA ILE A 255 -17.21 -1.36 7.31
C ILE A 255 -18.38 -1.11 8.25
N CYS A 256 -18.22 -0.16 9.18
CA CYS A 256 -19.25 0.10 10.18
C CYS A 256 -20.49 0.74 9.56
N ALA A 257 -20.32 1.46 8.45
CA ALA A 257 -21.47 2.07 7.79
C ALA A 257 -22.47 1.02 7.34
N THR A 258 -21.98 -0.08 6.77
CA THR A 258 -22.82 -1.21 6.39
C THR A 258 -22.98 -2.23 7.51
N TYR A 259 -22.78 -1.81 8.76
CA TYR A 259 -23.15 -2.59 9.95
C TYR A 259 -24.53 -2.20 10.43
N ALA A 260 -25.52 -2.30 9.54
CA ALA A 260 -26.84 -1.72 9.80
C ALA A 260 -27.62 -2.54 10.82
N ILE A 261 -27.21 -2.49 12.08
CA ILE A 261 -27.99 -3.13 13.15
C ILE A 261 -29.14 -2.22 13.52
N PRO A 262 -30.22 -2.74 14.11
CA PRO A 262 -31.37 -1.89 14.45
C PRO A 262 -30.98 -0.77 15.39
N HIS A 263 -31.61 0.39 15.20
CA HIS A 263 -31.31 1.60 15.97
C HIS A 263 -32.36 1.74 17.07
N ALA A 264 -31.99 1.37 18.29
CA ALA A 264 -32.87 1.61 19.43
C ALA A 264 -32.92 3.10 19.71
N PRO A 265 -34.11 3.68 19.89
CA PRO A 265 -34.20 5.14 20.07
C PRO A 265 -33.44 5.60 21.31
N ARG A 266 -32.75 6.72 21.16
CA ARG A 266 -32.02 7.29 22.30
C ARG A 266 -32.88 8.39 22.94
N PRO A 267 -33.17 8.28 24.24
CA PRO A 267 -34.02 9.31 24.87
C PRO A 267 -33.42 10.71 24.82
N ASP A 268 -32.10 10.83 24.91
CA ASP A 268 -31.45 12.13 24.89
C ASP A 268 -30.40 12.21 23.77
N SER A 274 -25.55 17.57 19.73
CA SER A 274 -24.29 18.29 19.84
C SER A 274 -23.58 17.97 21.16
N LEU A 275 -22.27 17.83 21.10
CA LEU A 275 -21.45 17.50 22.26
C LEU A 275 -20.34 18.53 22.38
N THR A 276 -20.07 18.97 23.62
CA THR A 276 -19.24 20.14 23.85
C THR A 276 -17.93 19.81 24.56
N SER A 277 -17.87 18.69 25.28
CA SER A 277 -16.70 18.38 26.08
C SER A 277 -16.65 16.87 26.33
N PHE A 278 -15.53 16.42 26.89
CA PHE A 278 -15.35 14.99 27.14
C PHE A 278 -16.38 14.44 28.11
N ALA A 279 -16.93 15.25 29.00
CA ALA A 279 -18.01 14.77 29.85
C ALA A 279 -19.24 14.43 29.02
N ALA A 280 -19.59 15.30 28.07
CA ALA A 280 -20.77 15.05 27.24
C ALA A 280 -20.59 13.81 26.37
N ILE A 281 -19.42 13.68 25.73
CA ILE A 281 -19.20 12.51 24.87
C ILE A 281 -19.10 11.24 25.71
N THR A 282 -18.58 11.35 26.93
CA THR A 282 -18.50 10.18 27.79
C THR A 282 -19.89 9.74 28.24
N ARG A 283 -20.76 10.69 28.58
CA ARG A 283 -22.14 10.34 28.91
C ARG A 283 -22.85 9.76 27.70
N PHE A 284 -22.54 10.27 26.51
CA PHE A 284 -23.15 9.77 25.27
C PHE A 284 -22.69 8.37 24.92
N CYS A 285 -21.42 8.04 25.16
CA CYS A 285 -20.84 6.75 24.78
C CYS A 285 -21.10 5.68 25.82
N CYS A 286 -21.02 6.02 27.11
CA CYS A 286 -21.21 5.03 28.15
C CYS A 286 -22.67 4.58 28.24
N THR A 287 -23.61 5.48 27.95
CA THR A 287 -25.02 5.13 27.92
C THR A 287 -25.48 4.65 26.55
N SER A 288 -24.57 4.55 25.59
CA SER A 288 -24.92 4.14 24.24
C SER A 288 -25.35 2.67 24.21
N GLN A 289 -26.31 2.37 23.34
CA GLN A 289 -26.71 0.99 23.13
C GLN A 289 -25.62 0.17 22.46
N TYR A 290 -24.70 0.83 21.76
CA TYR A 290 -23.67 0.15 21.00
C TYR A 290 -22.45 -0.21 21.84
N ALA A 291 -22.35 0.33 23.06
CA ALA A 291 -21.23 0.04 23.94
C ALA A 291 -21.49 -1.14 24.87
N ARG A 292 -22.64 -1.80 24.73
CA ARG A 292 -23.00 -2.91 25.61
C ARG A 292 -23.60 -4.04 24.80
N GLY A 293 -23.30 -5.27 25.21
CA GLY A 293 -24.06 -6.42 24.75
C GLY A 293 -23.65 -6.94 23.38
N ALA A 294 -24.66 -7.35 22.61
CA ALA A 294 -24.43 -8.12 21.40
C ALA A 294 -23.68 -7.31 20.34
N ALA A 295 -24.01 -6.02 20.21
CA ALA A 295 -23.37 -5.21 19.18
C ALA A 295 -21.86 -5.12 19.41
N ALA A 296 -21.46 -4.74 20.62
CA ALA A 296 -20.04 -4.65 20.95
C ALA A 296 -19.38 -6.02 20.92
N ALA A 297 -20.14 -7.07 21.23
CA ALA A 297 -19.58 -8.41 21.17
C ALA A 297 -19.30 -8.85 19.73
N GLY A 298 -20.17 -8.47 18.80
CA GLY A 298 -20.09 -9.00 17.45
C GLY A 298 -19.48 -8.08 16.40
N PHE A 299 -19.13 -6.85 16.77
CA PHE A 299 -18.51 -5.98 15.77
C PHE A 299 -17.19 -6.53 15.22
N PRO A 300 -16.21 -6.94 16.04
CA PRO A 300 -14.92 -7.39 15.46
C PRO A 300 -15.07 -8.59 14.54
N LEU A 301 -15.95 -9.52 14.88
CA LEU A 301 -16.19 -10.67 14.03
C LEU A 301 -16.78 -10.26 12.70
N TYR A 302 -17.71 -9.28 12.73
CA TYR A 302 -18.25 -8.75 11.50
C TYR A 302 -17.16 -8.10 10.66
N VAL A 303 -16.25 -7.37 11.31
CA VAL A 303 -15.10 -6.78 10.64
C VAL A 303 -14.39 -7.87 9.86
N GLU A 304 -13.88 -8.87 10.60
CA GLU A 304 -13.13 -9.96 9.97
C GLU A 304 -13.89 -10.57 8.80
N ARG A 305 -15.19 -10.80 8.97
CA ARG A 305 -15.97 -11.44 7.90
C ARG A 305 -16.09 -10.53 6.68
N ARG A 306 -16.23 -9.23 6.89
CA ARG A 306 -16.36 -8.29 5.79
C ARG A 306 -15.07 -8.22 4.98
N ILE A 307 -13.93 -8.08 5.66
CA ILE A 307 -12.65 -8.15 4.95
C ILE A 307 -12.50 -9.49 4.24
N ALA A 308 -12.89 -10.59 4.88
CA ALA A 308 -12.75 -11.89 4.24
C ALA A 308 -13.51 -11.94 2.92
N ALA A 309 -14.77 -11.50 2.94
CA ALA A 309 -15.59 -11.55 1.73
C ALA A 309 -15.02 -10.66 0.63
N ASP A 310 -14.70 -9.40 0.97
CA ASP A 310 -14.21 -8.48 -0.04
C ASP A 310 -12.89 -8.96 -0.64
N VAL A 311 -11.97 -9.39 0.23
CA VAL A 311 -10.66 -9.83 -0.24
C VAL A 311 -10.79 -11.06 -1.11
N ARG A 312 -11.68 -11.99 -0.75
CA ARG A 312 -11.84 -13.19 -1.56
C ARG A 312 -12.39 -12.84 -2.95
N GLU A 313 -13.37 -11.95 -3.01
CA GLU A 313 -13.93 -11.52 -4.30
C GLU A 313 -12.85 -10.88 -5.17
N THR A 314 -12.17 -9.87 -4.62
CA THR A 314 -11.15 -9.17 -5.39
C THR A 314 -9.97 -10.07 -5.71
N SER A 315 -9.70 -11.07 -4.87
CA SER A 315 -8.59 -11.98 -5.12
C SER A 315 -8.87 -12.87 -6.31
N ALA A 316 -10.09 -13.43 -6.40
CA ALA A 316 -10.44 -14.23 -7.56
C ALA A 316 -10.39 -13.38 -8.84
N LEU A 317 -10.99 -12.20 -8.79
CA LEU A 317 -11.03 -11.37 -9.99
C LEU A 317 -9.63 -10.92 -10.41
N GLU A 318 -8.78 -10.57 -9.44
CA GLU A 318 -7.41 -10.17 -9.74
C GLU A 318 -6.54 -11.34 -10.17
N LYS A 319 -6.86 -12.56 -9.74
CA LYS A 319 -6.17 -13.73 -10.28
C LYS A 319 -6.45 -13.88 -11.77
N PHE A 320 -7.72 -13.73 -12.16
CA PHE A 320 -8.01 -13.74 -13.61
C PHE A 320 -7.32 -12.58 -14.33
N ILE A 321 -7.29 -11.40 -13.71
CA ILE A 321 -6.68 -10.23 -14.35
C ILE A 321 -5.17 -10.44 -14.54
N THR A 322 -4.50 -11.00 -13.54
CA THR A 322 -3.09 -11.36 -13.65
C THR A 322 -2.84 -12.45 -14.68
N HIS A 323 -3.76 -13.41 -14.80
CA HIS A 323 -3.69 -14.39 -15.88
C HIS A 323 -3.63 -13.70 -17.25
N ASP A 324 -4.65 -12.90 -17.55
CA ASP A 324 -4.74 -12.32 -18.89
C ASP A 324 -3.73 -11.20 -19.09
N ARG A 325 -3.15 -10.72 -18.00
CA ARG A 325 -2.13 -9.67 -18.04
C ARG A 325 -0.78 -10.21 -18.51
N SER A 326 -0.39 -11.36 -17.99
CA SER A 326 0.99 -11.80 -18.01
C SER A 326 1.52 -12.08 -19.41
N CYS A 327 0.73 -12.72 -20.26
CA CYS A 327 1.20 -13.22 -21.54
C CYS A 327 0.47 -12.64 -22.74
N LEU A 328 -0.56 -11.84 -22.54
CA LEU A 328 -1.33 -11.31 -23.66
C LEU A 328 -0.46 -10.39 -24.50
N ARG A 329 -0.09 -10.85 -25.70
CA ARG A 329 0.75 -10.07 -26.62
C ARG A 329 -0.14 -9.38 -27.66
N VAL A 330 -0.74 -8.29 -27.21
CA VAL A 330 -1.62 -7.48 -28.05
C VAL A 330 -1.04 -6.07 -28.11
N SER A 331 -1.57 -5.26 -29.02
CA SER A 331 -1.07 -3.90 -29.21
C SER A 331 -1.19 -3.10 -27.92
N ASP A 332 -0.45 -1.99 -27.87
CA ASP A 332 -0.37 -1.20 -26.64
C ASP A 332 -1.72 -0.61 -26.25
N ARG A 333 -2.37 0.09 -27.20
CA ARG A 333 -3.62 0.77 -26.88
C ARG A 333 -4.71 -0.24 -26.52
N GLU A 334 -4.72 -1.40 -27.20
CA GLU A 334 -5.73 -2.40 -26.91
C GLU A 334 -5.49 -3.05 -25.55
N PHE A 335 -4.23 -3.26 -25.18
CA PHE A 335 -3.92 -3.79 -23.86
C PHE A 335 -4.37 -2.82 -22.77
N ILE A 336 -4.08 -1.52 -22.96
CA ILE A 336 -4.48 -0.52 -21.97
C ILE A 336 -5.99 -0.42 -21.86
N THR A 337 -6.70 -0.40 -22.99
CA THR A 337 -8.14 -0.30 -22.92
C THR A 337 -8.75 -1.57 -22.33
N TYR A 338 -8.13 -2.72 -22.57
CA TYR A 338 -8.62 -3.95 -21.94
C TYR A 338 -8.49 -3.89 -20.42
N ILE A 339 -7.34 -3.43 -19.93
CA ILE A 339 -7.16 -3.30 -18.48
C ILE A 339 -8.16 -2.31 -17.90
N TYR A 340 -8.31 -1.15 -18.55
CA TYR A 340 -9.26 -0.15 -18.08
C TYR A 340 -10.68 -0.68 -18.03
N LEU A 341 -11.16 -1.27 -19.14
CA LEU A 341 -12.52 -1.76 -19.17
C LEU A 341 -12.74 -2.87 -18.16
N ALA A 342 -11.79 -3.78 -18.02
CA ALA A 342 -11.91 -4.80 -16.98
C ALA A 342 -12.10 -4.17 -15.62
N HIS A 343 -11.09 -3.44 -15.13
CA HIS A 343 -11.15 -2.91 -13.78
C HIS A 343 -12.25 -1.90 -13.56
N PHE A 344 -12.82 -1.31 -14.63
CA PHE A 344 -13.86 -0.31 -14.43
C PHE A 344 -15.25 -0.93 -14.51
N GLU A 345 -15.58 -1.59 -15.63
CA GLU A 345 -16.93 -2.11 -15.79
C GLU A 345 -17.16 -3.34 -14.93
N CYS A 346 -16.10 -4.07 -14.59
CA CYS A 346 -16.26 -5.16 -13.65
C CYS A 346 -16.59 -4.67 -12.25
N PHE A 347 -16.15 -3.47 -11.88
CA PHE A 347 -16.40 -2.86 -10.58
C PHE A 347 -17.17 -1.56 -10.75
N SER A 348 -18.21 -1.58 -11.57
CA SER A 348 -19.07 -0.41 -11.72
C SER A 348 -19.89 -0.21 -10.45
N PRO A 349 -20.37 1.01 -10.21
CA PRO A 349 -21.10 1.30 -8.97
C PRO A 349 -22.30 0.39 -8.73
N PRO A 350 -23.05 -0.02 -9.76
CA PRO A 350 -24.17 -0.95 -9.46
C PRO A 350 -23.73 -2.26 -8.82
N ARG A 351 -22.65 -2.87 -9.31
CA ARG A 351 -22.18 -4.11 -8.73
C ARG A 351 -21.65 -3.91 -7.31
N LEU A 352 -20.96 -2.79 -7.07
CA LEU A 352 -20.49 -2.49 -5.72
C LEU A 352 -21.67 -2.29 -4.77
N ALA A 353 -22.71 -1.62 -5.23
CA ALA A 353 -23.90 -1.43 -4.40
C ALA A 353 -24.55 -2.78 -4.09
N THR A 354 -24.65 -3.65 -5.09
CA THR A 354 -25.23 -4.97 -4.85
C THR A 354 -24.40 -5.77 -3.86
N HIS A 355 -23.07 -5.72 -3.99
CA HIS A 355 -22.20 -6.42 -3.06
C HIS A 355 -22.36 -5.90 -1.64
N LEU A 356 -22.34 -4.58 -1.48
CA LEU A 356 -22.50 -4.00 -0.15
C LEU A 356 -23.84 -4.38 0.46
N ARG A 357 -24.92 -4.31 -0.34
CA ARG A 357 -26.24 -4.69 0.15
C ARG A 357 -26.29 -6.15 0.55
N ALA A 358 -25.58 -7.01 -0.18
CA ALA A 358 -25.54 -8.42 0.19
C ALA A 358 -24.69 -8.65 1.43
N VAL A 359 -23.80 -7.72 1.76
CA VAL A 359 -22.91 -7.88 2.91
C VAL A 359 -23.52 -7.19 4.12
N THR A 360 -24.60 -6.43 3.92
CA THR A 360 -25.26 -5.74 5.04
C THR A 360 -25.75 -6.75 6.07
N THR A 361 -25.48 -6.46 7.34
CA THR A 361 -25.98 -7.27 8.44
C THR A 361 -27.12 -6.54 9.15
N HIS A 362 -27.92 -7.31 9.87
CA HIS A 362 -28.99 -6.75 10.68
C HIS A 362 -29.04 -7.30 12.09
N ASP A 363 -28.16 -8.25 12.44
CA ASP A 363 -28.09 -8.80 13.78
C ASP A 363 -26.63 -8.98 14.17
N PRO A 364 -26.18 -8.47 15.31
CA PRO A 364 -24.77 -8.65 15.69
C PRO A 364 -24.37 -10.10 15.88
N ASN A 365 -25.34 -10.98 16.10
CA ASN A 365 -25.03 -12.40 16.29
C ASN A 365 -24.56 -13.01 14.98
N PRO A 366 -23.34 -13.57 14.93
CA PRO A 366 -22.94 -14.31 13.72
C PRO A 366 -23.83 -15.50 13.43
N ALA A 367 -24.33 -16.17 14.46
CA ALA A 367 -25.27 -17.26 14.26
C ALA A 367 -26.58 -16.75 13.66
N ALA A 368 -27.05 -15.58 14.10
CA ALA A 368 -28.22 -14.94 13.55
C ALA A 368 -27.88 -13.88 12.52
N SER A 369 -26.71 -14.00 11.89
CA SER A 369 -26.28 -13.01 10.91
C SER A 369 -27.22 -12.99 9.71
N THR A 370 -27.52 -11.79 9.21
CA THR A 370 -28.44 -11.61 8.10
C THR A 370 -27.72 -11.41 6.77
N GLU A 371 -26.42 -11.66 6.71
CA GLU A 371 -25.68 -11.49 5.47
C GLU A 371 -26.17 -12.46 4.40
N GLN A 372 -26.16 -12.00 3.16
CA GLN A 372 -26.62 -12.75 2.00
C GLN A 372 -25.43 -13.07 1.10
N PRO A 373 -25.52 -14.13 0.28
CA PRO A 373 -24.42 -14.45 -0.63
C PRO A 373 -24.15 -13.32 -1.61
N SER A 374 -22.93 -12.77 -1.56
CA SER A 374 -22.60 -11.65 -2.43
C SER A 374 -22.41 -12.12 -3.86
N PRO A 375 -23.17 -11.59 -4.82
CA PRO A 375 -23.04 -12.03 -6.21
C PRO A 375 -21.98 -11.29 -7.01
N LEU A 376 -21.06 -10.58 -6.35
CA LEU A 376 -20.11 -9.73 -7.07
C LEU A 376 -19.23 -10.54 -8.00
N GLY A 377 -18.61 -11.60 -7.50
CA GLY A 377 -17.72 -12.40 -8.33
C GLY A 377 -18.45 -13.12 -9.44
N ARG A 378 -19.61 -13.68 -9.12
CA ARG A 378 -20.42 -14.35 -10.13
C ARG A 378 -20.76 -13.40 -11.27
N GLU A 379 -21.23 -12.19 -10.92
CA GLU A 379 -21.55 -11.20 -11.94
C GLU A 379 -20.32 -10.81 -12.74
N ALA A 380 -19.21 -10.53 -12.06
CA ALA A 380 -18.02 -10.03 -12.74
C ALA A 380 -17.46 -11.07 -13.71
N VAL A 381 -17.48 -12.35 -13.34
CA VAL A 381 -16.92 -13.38 -14.20
C VAL A 381 -17.92 -13.76 -15.28
N GLU A 382 -19.09 -14.26 -14.88
CA GLU A 382 -20.01 -14.82 -15.87
C GLU A 382 -20.62 -13.73 -16.75
N GLN A 383 -21.02 -12.61 -16.15
CA GLN A 383 -21.89 -11.67 -16.82
C GLN A 383 -21.17 -10.71 -17.76
N PHE A 384 -19.89 -10.43 -17.56
CA PHE A 384 -19.24 -9.37 -18.32
C PHE A 384 -18.05 -9.85 -19.13
N PHE A 385 -17.27 -10.83 -18.64
CA PHE A 385 -16.21 -11.40 -19.47
C PHE A 385 -16.74 -12.08 -20.72
N CYS A 386 -18.04 -12.40 -20.76
CA CYS A 386 -18.63 -12.81 -22.02
C CYS A 386 -18.42 -11.73 -23.07
N HIS A 387 -18.80 -10.49 -22.73
CA HIS A 387 -18.70 -9.39 -23.68
C HIS A 387 -17.25 -9.09 -24.03
N VAL A 388 -16.38 -9.02 -23.02
CA VAL A 388 -14.98 -8.68 -23.26
C VAL A 388 -14.30 -9.74 -24.11
N ARG A 389 -14.48 -11.01 -23.75
CA ARG A 389 -13.85 -12.10 -24.49
C ARG A 389 -14.39 -12.21 -25.91
N ALA A 390 -15.70 -12.00 -26.11
CA ALA A 390 -16.24 -12.04 -27.45
C ALA A 390 -15.74 -10.87 -28.28
N GLN A 391 -15.61 -9.69 -27.68
CA GLN A 391 -15.21 -8.50 -28.43
C GLN A 391 -13.70 -8.33 -28.50
N LEU A 392 -13.00 -8.47 -27.37
CA LEU A 392 -11.58 -8.16 -27.31
C LEU A 392 -10.72 -9.38 -26.99
N ASN A 393 -11.85 -11.16 -29.21
CA ASN A 393 -11.72 -12.54 -29.65
C ASN A 393 -10.54 -12.74 -30.60
N ILE A 394 -10.29 -14.00 -30.96
CA ILE A 394 -9.16 -14.31 -31.83
C ILE A 394 -9.47 -13.94 -33.28
N GLY A 395 -10.75 -13.96 -33.66
CA GLY A 395 -11.10 -13.60 -35.02
C GLY A 395 -10.74 -12.17 -35.35
N GLU A 396 -11.11 -11.22 -34.49
CA GLU A 396 -10.73 -9.83 -34.71
C GLU A 396 -9.23 -9.64 -34.64
N TYR A 397 -8.57 -10.35 -33.72
CA TYR A 397 -7.12 -10.21 -33.59
C TYR A 397 -6.42 -10.63 -34.87
N VAL A 398 -6.84 -11.75 -35.47
CA VAL A 398 -6.22 -12.20 -36.71
C VAL A 398 -6.60 -11.26 -37.86
N LYS A 399 -7.86 -10.83 -37.89
CA LYS A 399 -8.34 -10.01 -39.01
C LYS A 399 -7.65 -8.64 -39.02
N HIS A 400 -7.23 -8.14 -37.86
CA HIS A 400 -6.61 -6.83 -37.81
C HIS A 400 -5.09 -6.88 -37.74
N ASN A 401 -4.52 -7.68 -36.84
CA ASN A 401 -3.10 -7.61 -36.53
C ASN A 401 -2.27 -8.67 -37.23
N VAL A 402 -2.88 -9.47 -38.11
CA VAL A 402 -2.18 -10.55 -38.81
C VAL A 402 -2.34 -10.33 -40.31
N THR A 403 -1.22 -10.35 -41.03
CA THR A 403 -1.21 -10.20 -42.49
C THR A 403 -0.53 -11.40 -43.10
N PRO A 404 -1.31 -12.38 -43.58
CA PRO A 404 -0.69 -13.52 -44.27
C PRO A 404 -0.33 -13.16 -45.71
N ARG A 405 0.90 -13.48 -46.10
CA ARG A 405 1.34 -13.35 -47.49
C ARG A 405 1.42 -14.72 -48.15
N GLU A 406 0.29 -15.19 -48.68
CA GLU A 406 0.24 -16.52 -49.28
C GLU A 406 0.22 -16.42 -50.81
N LEU A 611 4.87 -25.75 -31.71
CA LEU A 611 3.61 -26.18 -31.13
C LEU A 611 3.82 -27.20 -30.03
N ASP A 612 4.78 -26.93 -29.16
CA ASP A 612 5.09 -27.79 -28.02
C ASP A 612 4.59 -27.13 -26.74
N LEU A 613 3.90 -27.91 -25.91
CA LEU A 613 3.29 -27.40 -24.70
C LEU A 613 4.33 -27.35 -23.59
N ASP A 614 4.41 -26.21 -22.90
CA ASP A 614 5.32 -26.02 -21.77
C ASP A 614 4.50 -25.65 -20.55
N ILE A 615 4.72 -26.38 -19.45
CA ILE A 615 3.97 -26.20 -18.23
C ILE A 615 4.93 -25.77 -17.12
N ALA A 616 4.60 -24.69 -16.43
CA ALA A 616 5.27 -24.29 -15.20
C ALA A 616 4.39 -24.76 -14.05
N LEU A 617 4.93 -25.62 -13.19
CA LEU A 617 4.15 -26.30 -12.17
C LEU A 617 4.11 -25.48 -10.88
N LYS A 618 2.92 -25.36 -10.30
CA LYS A 618 2.78 -24.97 -8.90
C LYS A 618 2.53 -26.17 -8.00
N GLU A 619 1.48 -26.94 -8.29
CA GLU A 619 1.20 -28.18 -7.58
C GLU A 619 0.57 -29.16 -8.56
N PRO A 620 0.70 -30.46 -8.31
CA PRO A 620 0.02 -31.44 -9.17
C PRO A 620 -1.49 -31.26 -9.12
N VAL A 621 -2.14 -31.52 -10.25
CA VAL A 621 -3.59 -31.40 -10.36
C VAL A 621 -4.24 -32.72 -9.94
N PRO A 622 -5.13 -32.70 -8.93
CA PRO A 622 -5.82 -33.90 -8.44
C PRO A 622 -6.66 -34.59 -9.51
N ARG A 624 -9.54 -36.15 -15.29
CA ARG A 624 -10.52 -35.50 -16.14
C ARG A 624 -10.11 -34.07 -16.47
N ARG A 625 -9.42 -33.43 -15.51
CA ARG A 625 -8.94 -32.07 -15.72
C ARG A 625 -7.94 -32.01 -16.87
N LEU A 626 -7.01 -32.96 -16.92
CA LEU A 626 -6.01 -32.94 -17.99
C LEU A 626 -6.66 -33.15 -19.36
N HIS A 627 -7.57 -34.11 -19.46
CA HIS A 627 -8.25 -34.36 -20.72
C HIS A 627 -9.09 -33.15 -21.13
N GLU A 628 -9.76 -32.51 -20.17
CA GLU A 628 -10.55 -31.32 -20.47
C GLU A 628 -9.66 -30.19 -20.98
N ALA A 629 -8.50 -30.00 -20.33
CA ALA A 629 -7.58 -28.95 -20.75
C ALA A 629 -7.05 -29.21 -22.16
N LEU A 630 -6.68 -30.44 -22.46
CA LEU A 630 -6.21 -30.75 -23.82
C LEU A 630 -7.33 -30.61 -24.85
N GLY A 631 -8.55 -30.97 -24.47
CA GLY A 631 -9.67 -30.77 -25.39
C GLY A 631 -9.91 -29.31 -25.70
N HIS A 632 -9.84 -28.46 -24.69
CA HIS A 632 -10.04 -27.03 -24.93
C HIS A 632 -8.86 -26.40 -25.68
N PHE A 633 -7.64 -26.87 -25.41
CA PHE A 633 -6.50 -26.51 -26.25
C PHE A 633 -6.75 -26.87 -27.69
N ARG A 634 -7.29 -28.08 -27.93
CA ARG A 634 -7.60 -28.52 -29.28
C ARG A 634 -8.65 -27.62 -29.92
N ARG A 635 -9.68 -27.23 -29.17
CA ARG A 635 -10.69 -26.35 -29.71
C ARG A 635 -10.10 -25.00 -30.11
N GLY A 636 -9.26 -24.43 -29.24
CA GLY A 636 -8.65 -23.14 -29.56
C GLY A 636 -7.75 -23.22 -30.77
N ALA A 637 -6.92 -24.27 -30.83
CA ALA A 637 -6.04 -24.44 -31.98
C ALA A 637 -6.84 -24.64 -33.25
N LEU A 638 -7.95 -25.39 -33.18
CA LEU A 638 -8.78 -25.61 -34.36
C LEU A 638 -9.41 -24.32 -34.84
N ALA A 639 -9.90 -23.49 -33.90
CA ALA A 639 -10.45 -22.20 -34.29
C ALA A 639 -9.39 -21.32 -34.95
N ALA A 640 -8.19 -21.29 -34.38
CA ALA A 640 -7.11 -20.50 -34.98
C ALA A 640 -6.76 -21.02 -36.37
N VAL A 641 -6.73 -22.34 -36.55
CA VAL A 641 -6.42 -22.92 -37.85
C VAL A 641 -7.49 -22.57 -38.87
N GLN A 642 -8.76 -22.64 -38.45
CA GLN A 642 -9.85 -22.25 -39.34
C GLN A 642 -9.73 -20.80 -39.76
N LEU A 643 -9.40 -19.92 -38.81
CA LEU A 643 -9.28 -18.50 -39.14
C LEU A 643 -8.10 -18.24 -40.06
N LEU A 644 -6.95 -18.86 -39.77
CA LEU A 644 -5.76 -18.64 -40.58
C LEU A 644 -5.87 -19.28 -41.96
N PHE A 645 -6.71 -20.29 -42.12
CA PHE A 645 -6.87 -21.03 -43.37
C PHE A 645 -8.30 -20.82 -43.86
N PRO A 646 -8.56 -19.82 -44.72
CA PRO A 646 -9.89 -19.57 -45.25
C PRO A 646 -10.37 -20.68 -46.19
N LEU A 762 10.34 -16.54 -38.89
CA LEU A 762 9.87 -17.73 -39.59
C LEU A 762 8.35 -17.87 -39.46
N THR A 763 7.74 -18.60 -40.39
CA THR A 763 6.30 -18.84 -40.34
C THR A 763 5.93 -19.76 -39.18
N MET A 764 6.85 -20.65 -38.77
CA MET A 764 6.58 -21.49 -37.62
C MET A 764 6.39 -20.65 -36.36
N ARG A 765 7.23 -19.64 -36.17
CA ARG A 765 7.07 -18.76 -35.02
C ARG A 765 5.74 -18.04 -35.08
N GLY A 766 5.34 -17.57 -36.27
CA GLY A 766 4.07 -16.89 -36.40
C GLY A 766 2.89 -17.77 -36.05
N VAL A 767 2.88 -18.99 -36.58
CA VAL A 767 1.74 -19.88 -36.34
C VAL A 767 1.72 -20.31 -34.87
N ALA A 768 2.89 -20.53 -34.27
CA ALA A 768 2.93 -20.87 -32.86
C ALA A 768 2.42 -19.72 -32.00
N ARG A 769 2.80 -18.49 -32.34
CA ARG A 769 2.34 -17.33 -31.59
C ARG A 769 0.83 -17.17 -31.70
N VAL A 770 0.29 -17.35 -32.91
CA VAL A 770 -1.16 -17.24 -33.09
C VAL A 770 -1.88 -18.34 -32.33
N ILE A 771 -1.34 -19.56 -32.34
CA ILE A 771 -1.94 -20.66 -31.58
C ILE A 771 -1.94 -20.33 -30.10
N GLN A 772 -0.83 -19.82 -29.58
CA GLN A 772 -0.75 -19.47 -28.17
C GLN A 772 -1.76 -18.40 -27.81
N GLN A 773 -1.90 -17.37 -28.66
CA GLN A 773 -2.87 -16.32 -28.39
C GLN A 773 -4.30 -16.87 -28.39
N ALA A 774 -4.64 -17.66 -29.41
CA ALA A 774 -5.99 -18.21 -29.50
C ALA A 774 -6.30 -19.13 -28.33
N VAL A 775 -5.30 -19.87 -27.85
CA VAL A 775 -5.51 -20.74 -26.71
C VAL A 775 -5.70 -19.92 -25.44
N LEU A 776 -4.96 -18.82 -25.29
CA LEU A 776 -5.17 -17.94 -24.14
C LEU A 776 -6.57 -17.34 -24.14
N LEU A 777 -7.07 -16.96 -25.33
CA LEU A 777 -8.31 -16.20 -25.37
C LEU A 777 -9.52 -17.04 -24.96
N ASP A 778 -9.41 -18.37 -24.99
CA ASP A 778 -10.50 -19.23 -24.58
C ASP A 778 -10.59 -19.27 -23.05
N ARG A 779 -11.82 -19.36 -22.53
CA ARG A 779 -12.00 -19.37 -21.08
C ARG A 779 -11.91 -20.78 -20.52
N ASP A 780 -12.37 -21.79 -21.26
CA ASP A 780 -12.43 -23.14 -20.72
C ASP A 780 -11.03 -23.68 -20.43
N PHE A 781 -10.10 -23.45 -21.35
CA PHE A 781 -8.73 -23.88 -21.13
C PHE A 781 -8.13 -23.21 -19.90
N VAL A 782 -8.47 -21.94 -19.69
CA VAL A 782 -7.97 -21.21 -18.53
C VAL A 782 -8.51 -21.83 -17.25
N GLU A 783 -9.83 -21.98 -17.15
CA GLU A 783 -10.42 -22.57 -15.95
C GLU A 783 -9.95 -24.00 -15.75
N ALA A 784 -9.50 -24.64 -16.83
CA ALA A 784 -9.02 -26.02 -16.71
C ALA A 784 -7.62 -26.08 -16.13
N ILE A 785 -6.69 -25.29 -16.68
CA ILE A 785 -5.28 -25.53 -16.35
C ILE A 785 -4.59 -24.33 -15.74
N GLY A 786 -5.03 -23.11 -16.07
CA GLY A 786 -4.28 -21.92 -15.70
C GLY A 786 -4.23 -21.65 -14.22
N SER A 787 -5.17 -22.20 -13.45
CA SER A 787 -5.14 -22.02 -12.01
C SER A 787 -3.98 -22.78 -11.37
N TYR A 788 -3.32 -23.65 -12.13
CA TYR A 788 -2.28 -24.53 -11.59
C TYR A 788 -0.89 -24.19 -12.10
N VAL A 789 -0.75 -23.22 -12.99
CA VAL A 789 0.53 -22.94 -13.65
C VAL A 789 1.03 -21.58 -13.22
N LYS A 790 2.35 -21.50 -12.97
CA LYS A 790 2.97 -20.23 -12.59
C LYS A 790 2.86 -19.21 -13.71
N ASN A 791 3.27 -19.59 -14.92
CA ASN A 791 3.28 -18.70 -16.06
C ASN A 791 2.63 -19.41 -17.23
N PHE A 792 2.18 -18.63 -18.21
CA PHE A 792 1.35 -19.16 -19.29
C PHE A 792 2.03 -19.10 -20.65
N LEU A 793 3.35 -19.21 -20.69
CA LEU A 793 4.05 -19.34 -21.97
C LEU A 793 4.02 -20.79 -22.41
N LEU A 794 2.87 -21.24 -22.91
CA LEU A 794 2.67 -22.66 -23.23
C LEU A 794 3.60 -23.11 -24.35
N ILE A 795 3.76 -22.29 -25.39
CA ILE A 795 4.45 -22.72 -26.59
C ILE A 795 5.75 -21.91 -26.75
N ASP A 796 6.84 -22.63 -26.99
CA ASP A 796 8.12 -22.01 -27.28
C ASP A 796 8.08 -21.45 -28.70
N THR A 797 8.54 -20.21 -28.86
CA THR A 797 8.53 -19.56 -30.16
C THR A 797 9.78 -19.89 -30.95
N HIS A 869 3.71 -17.14 -48.80
CA HIS A 869 3.46 -17.87 -47.56
C HIS A 869 4.36 -17.36 -46.44
N SER A 870 3.97 -16.24 -45.84
CA SER A 870 4.70 -15.63 -44.71
C SER A 870 3.69 -14.85 -43.88
N LEU A 871 3.45 -15.31 -42.66
CA LEU A 871 2.58 -14.58 -41.75
C LEU A 871 3.36 -13.43 -41.13
N GLY A 872 3.07 -12.20 -41.59
CA GLY A 872 3.81 -11.04 -41.15
C GLY A 872 2.89 -9.98 -40.57
N GLY A 873 3.51 -8.90 -40.12
CA GLY A 873 2.82 -7.82 -39.44
C GLY A 873 3.57 -7.38 -38.20
N ASP A 874 3.20 -6.23 -37.64
CA ASP A 874 3.83 -5.76 -36.41
C ASP A 874 3.53 -6.69 -35.25
N TYR A 875 4.38 -6.69 -34.24
CA TYR A 875 4.17 -7.56 -33.08
C TYR A 875 4.22 -6.78 -31.78
N ASN B 1 -11.52 4.10 -3.39
CA ASN B 1 -11.69 3.94 -1.94
C ASN B 1 -12.47 2.68 -1.63
N PHE B 2 -13.35 2.30 -2.57
CA PHE B 2 -14.14 1.08 -2.39
C PHE B 2 -13.30 -0.16 -2.61
N THR B 3 -12.40 -0.11 -3.60
CA THR B 3 -11.52 -1.23 -3.95
C THR B 3 -10.06 -0.95 -3.65
N SER B 4 -9.65 0.32 -3.65
CA SER B 4 -8.29 0.66 -3.24
C SER B 4 -8.04 0.24 -1.81
N MET B 5 -9.07 0.28 -0.97
CA MET B 5 -8.94 -0.16 0.42
C MET B 5 -8.38 -1.56 0.52
N HIS B 6 -8.73 -2.42 -0.43
CA HIS B 6 -8.25 -3.80 -0.40
C HIS B 6 -7.01 -3.97 -1.26
N GLY B 7 -6.91 -3.22 -2.36
CA GLY B 7 -5.74 -3.32 -3.22
C GLY B 7 -4.47 -2.75 -2.62
N VAL B 8 -4.60 -1.86 -1.64
CA VAL B 8 -3.44 -1.20 -1.06
C VAL B 8 -2.74 -2.06 -0.02
N GLN B 9 -3.41 -3.07 0.53
CA GLN B 9 -2.82 -3.90 1.58
C GLN B 9 -1.52 -4.57 1.16
N PRO B 10 -1.38 -5.17 -0.03
CA PRO B 10 -0.07 -5.71 -0.42
C PRO B 10 1.02 -4.67 -0.45
N ILE B 11 0.66 -3.40 -0.68
CA ILE B 11 1.66 -2.33 -0.66
C ILE B 11 2.27 -2.24 0.73
N LEU B 12 1.41 -2.23 1.75
CA LEU B 12 1.88 -2.20 3.13
C LEU B 12 2.67 -3.46 3.46
N LYS B 13 2.23 -4.62 2.96
CA LYS B 13 2.96 -5.85 3.19
C LYS B 13 4.39 -5.76 2.68
N ARG B 14 4.54 -5.32 1.42
CA ARG B 14 5.87 -5.26 0.83
C ARG B 14 6.73 -4.19 1.49
N ILE B 15 6.14 -3.04 1.83
CA ILE B 15 6.93 -2.01 2.51
C ILE B 15 7.41 -2.50 3.87
N ARG B 16 6.55 -3.22 4.60
CA ARG B 16 6.97 -3.78 5.88
C ARG B 16 8.08 -4.80 5.68
N GLU B 17 7.97 -5.64 4.66
CA GLU B 17 9.03 -6.62 4.39
C GLU B 17 10.35 -5.94 4.10
N LEU B 18 10.32 -4.87 3.30
CA LEU B 18 11.54 -4.12 3.01
C LEU B 18 12.11 -3.49 4.27
N SER B 19 11.26 -2.90 5.10
CA SER B 19 11.71 -2.16 6.26
C SER B 19 12.32 -3.06 7.33
N GLN B 20 12.11 -4.36 7.21
CA GLN B 20 12.58 -5.30 8.21
C GLN B 20 13.92 -5.95 7.87
N GLN B 21 14.28 -6.01 6.59
CA GLN B 21 15.49 -6.72 6.19
C GLN B 21 16.72 -6.06 6.79
N GLN B 22 17.57 -6.87 7.42
CA GLN B 22 18.80 -6.38 8.03
C GLN B 22 19.97 -6.56 7.08
N LEU B 23 21.05 -5.84 7.38
CA LEU B 23 22.26 -5.84 6.55
C LEU B 23 23.37 -6.56 7.29
N ASP B 24 24.26 -7.20 6.53
CA ASP B 24 25.41 -7.88 7.12
C ASP B 24 26.40 -6.86 7.65
N GLY B 25 27.37 -7.32 8.46
CA GLY B 25 28.36 -6.41 9.00
C GLY B 25 29.22 -5.76 7.93
N ALA B 26 29.51 -6.50 6.87
CA ALA B 26 30.32 -5.96 5.78
C ALA B 26 29.56 -4.96 4.92
N GLN B 27 28.24 -4.82 5.12
CA GLN B 27 27.45 -3.91 4.30
C GLN B 27 27.20 -2.57 4.97
N VAL B 28 27.18 -2.50 6.30
CA VAL B 28 26.86 -1.27 7.01
C VAL B 28 28.05 -0.33 7.00
N PRO B 29 27.89 0.91 6.55
CA PRO B 29 29.01 1.85 6.55
C PRO B 29 29.45 2.20 7.96
N HIS B 30 30.71 2.63 8.05
CA HIS B 30 31.34 2.97 9.32
C HIS B 30 31.75 4.44 9.30
N LEU B 31 31.71 5.08 10.47
CA LEU B 31 31.96 6.52 10.56
C LEU B 31 33.40 6.87 10.21
N GLN B 32 34.32 5.91 10.31
CA GLN B 32 35.71 6.21 9.99
C GLN B 32 35.88 6.61 8.54
N TRP B 33 35.18 5.91 7.64
CA TRP B 33 35.18 6.30 6.22
C TRP B 33 34.68 7.72 6.04
N PHE B 34 33.62 8.11 6.77
CA PHE B 34 33.03 9.42 6.53
C PHE B 34 33.93 10.52 7.08
N ARG B 35 34.56 10.27 8.23
CA ARG B 35 35.54 11.21 8.76
C ARG B 35 36.72 11.35 7.82
N ASP B 36 37.18 10.24 7.23
CA ASP B 36 38.27 10.31 6.26
C ASP B 36 37.87 11.15 5.05
N VAL B 37 36.63 10.99 4.58
CA VAL B 37 36.15 11.80 3.47
C VAL B 37 36.11 13.28 3.86
N ALA B 38 35.64 13.57 5.08
CA ALA B 38 35.61 14.95 5.54
C ALA B 38 37.01 15.55 5.61
N ALA B 39 38.00 14.75 6.01
CA ALA B 39 39.36 15.24 6.14
C ALA B 39 39.96 15.67 4.80
N LEU B 40 39.34 15.27 3.69
CA LEU B 40 39.79 15.66 2.36
C LEU B 40 38.88 16.75 1.80
N GLU B 41 39.26 17.25 0.63
CA GLU B 41 38.54 18.31 -0.05
C GLU B 41 38.16 17.95 -1.47
N SER B 42 38.96 17.13 -2.14
CA SER B 42 38.71 16.75 -3.52
C SER B 42 38.12 15.35 -3.59
N PRO B 43 37.39 15.01 -4.66
CA PRO B 43 36.83 13.66 -4.77
C PRO B 43 37.88 12.57 -5.00
N ALA B 44 39.15 12.95 -4.96
CA ALA B 44 40.22 11.99 -5.23
C ALA B 44 40.28 10.89 -4.17
N GLY B 45 39.67 11.12 -3.02
CA GLY B 45 39.70 10.14 -1.94
C GLY B 45 38.37 9.47 -1.69
N LEU B 46 37.58 9.28 -2.75
CA LEU B 46 36.29 8.62 -2.63
C LEU B 46 36.37 7.25 -3.30
N PRO B 47 36.47 6.16 -2.54
CA PRO B 47 36.60 4.83 -3.17
C PRO B 47 35.27 4.22 -3.58
N LEU B 48 35.31 2.98 -4.04
CA LEU B 48 34.11 2.27 -4.49
C LEU B 48 33.27 1.80 -3.30
N ARG B 49 32.87 2.74 -2.46
CA ARG B 49 32.09 2.42 -1.28
C ARG B 49 30.60 2.35 -1.62
N GLU B 50 29.94 1.32 -1.10
CA GLU B 50 28.54 1.05 -1.37
C GLU B 50 27.68 1.54 -0.22
N PHE B 51 26.52 2.11 -0.55
CA PHE B 51 25.54 2.56 0.42
C PHE B 51 24.24 1.78 0.17
N PRO B 52 24.02 0.69 0.90
CA PRO B 52 22.79 -0.08 0.71
C PRO B 52 21.55 0.75 1.03
N PHE B 53 20.50 0.54 0.23
CA PHE B 53 19.24 1.23 0.43
C PHE B 53 18.15 0.49 -0.33
N ALA B 54 16.90 0.83 -0.03
CA ALA B 54 15.76 0.26 -0.72
C ALA B 54 14.81 1.38 -1.11
N VAL B 55 14.02 1.12 -2.16
CA VAL B 55 13.14 2.13 -2.72
C VAL B 55 11.80 1.47 -3.06
N TYR B 56 10.71 2.20 -2.80
CA TYR B 56 9.37 1.75 -3.16
C TYR B 56 8.71 2.82 -4.01
N LEU B 57 8.47 2.50 -5.28
CA LEU B 57 7.87 3.45 -6.21
C LEU B 57 6.36 3.30 -6.25
N ILE B 58 5.67 4.42 -6.33
CA ILE B 58 4.21 4.47 -6.48
C ILE B 58 3.90 5.51 -7.53
N THR B 59 3.48 5.07 -8.71
CA THR B 59 3.23 5.94 -9.85
C THR B 59 1.76 5.89 -10.24
N GLY B 60 1.40 6.71 -11.21
CA GLY B 60 0.05 6.76 -11.70
C GLY B 60 -0.28 8.13 -12.24
N ASN B 61 -1.51 8.26 -12.74
CA ASN B 61 -1.96 9.54 -13.25
C ASN B 61 -2.19 10.51 -12.09
N ALA B 62 -2.68 11.70 -12.43
CA ALA B 62 -2.77 12.78 -11.46
C ALA B 62 -3.71 12.42 -10.32
N GLY B 63 -3.13 12.10 -9.17
CA GLY B 63 -3.88 11.89 -7.94
C GLY B 63 -4.93 10.80 -8.00
N SER B 64 -4.65 9.69 -8.68
CA SER B 64 -5.62 8.61 -8.81
C SER B 64 -5.64 7.69 -7.61
N GLY B 65 -5.19 8.16 -6.46
CA GLY B 65 -5.11 7.36 -5.25
C GLY B 65 -3.74 7.30 -4.61
N LYS B 66 -2.73 7.95 -5.20
CA LYS B 66 -1.39 7.93 -4.62
C LYS B 66 -1.37 8.65 -3.28
N SER B 67 -2.03 9.81 -3.19
CA SER B 67 -2.07 10.56 -1.95
C SER B 67 -2.77 9.77 -0.85
N THR B 68 -3.88 9.12 -1.19
CA THR B 68 -4.58 8.30 -0.22
C THR B 68 -3.74 7.10 0.21
N CYS B 69 -2.95 6.53 -0.71
CA CYS B 69 -2.04 5.46 -0.33
C CYS B 69 -1.00 5.95 0.67
N VAL B 70 -0.45 7.15 0.44
CA VAL B 70 0.47 7.75 1.40
C VAL B 70 -0.21 7.94 2.74
N GLN B 71 -1.47 8.37 2.71
CA GLN B 71 -2.25 8.54 3.93
C GLN B 71 -2.37 7.24 4.71
N THR B 72 -2.75 6.16 4.02
CA THR B 72 -2.89 4.85 4.66
C THR B 72 -1.55 4.36 5.21
N ILE B 73 -0.47 4.53 4.43
CA ILE B 73 0.85 4.09 4.88
C ILE B 73 1.26 4.83 6.14
N ASN B 74 1.05 6.15 6.17
CA ASN B 74 1.37 6.91 7.37
C ASN B 74 0.51 6.47 8.54
N GLU B 75 -0.76 6.16 8.29
CA GLU B 75 -1.67 5.81 9.38
C GLU B 75 -1.43 4.41 9.91
N VAL B 76 -0.78 3.53 9.15
CA VAL B 76 -0.52 2.16 9.58
C VAL B 76 0.95 1.93 9.90
N LEU B 77 1.84 2.28 8.98
CA LEU B 77 3.27 1.99 9.13
C LEU B 77 4.00 3.18 9.73
N ASP B 78 5.20 2.91 10.26
CA ASP B 78 6.06 3.94 10.84
C ASP B 78 6.93 4.53 9.74
N CYS B 79 6.48 5.65 9.20
CA CYS B 79 7.17 6.34 8.12
C CYS B 79 7.38 7.80 8.49
N VAL B 80 8.49 8.37 8.02
CA VAL B 80 8.78 9.78 8.17
C VAL B 80 8.41 10.47 6.87
N VAL B 81 7.24 11.09 6.84
CA VAL B 81 6.70 11.68 5.62
C VAL B 81 7.44 12.98 5.32
N THR B 82 7.89 13.13 4.07
CA THR B 82 8.59 14.31 3.61
C THR B 82 7.93 14.80 2.34
N GLY B 83 8.46 15.90 1.81
CA GLY B 83 7.95 16.47 0.58
C GLY B 83 9.07 16.98 -0.31
N ALA B 84 8.85 16.86 -1.62
CA ALA B 84 9.81 17.39 -2.57
C ALA B 84 9.88 18.91 -2.50
N THR B 85 8.72 19.56 -2.35
CA THR B 85 8.63 21.01 -2.28
C THR B 85 7.87 21.42 -1.03
N ARG B 86 7.90 22.72 -0.74
CA ARG B 86 7.13 23.28 0.36
C ARG B 86 5.63 23.05 0.13
N ILE B 87 5.19 23.28 -1.11
CA ILE B 87 3.79 23.09 -1.44
C ILE B 87 3.41 21.62 -1.32
N ALA B 88 4.31 20.72 -1.69
CA ALA B 88 4.04 19.29 -1.55
C ALA B 88 3.85 18.91 -0.09
N ALA B 89 4.71 19.44 0.79
CA ALA B 89 4.56 19.17 2.22
C ALA B 89 3.26 19.74 2.76
N GLN B 90 2.89 20.95 2.33
CA GLN B 90 1.62 21.53 2.77
C GLN B 90 0.44 20.70 2.29
N ASN B 91 0.50 20.21 1.06
CA ASN B 91 -0.58 19.37 0.54
C ASN B 91 -0.67 18.06 1.31
N MET B 92 0.47 17.46 1.63
CA MET B 92 0.46 16.22 2.41
C MET B 92 -0.10 16.44 3.80
N TYR B 93 0.26 17.56 4.44
CA TYR B 93 -0.32 17.88 5.73
C TYR B 93 -1.82 18.10 5.63
N ALA B 94 -2.27 18.75 4.56
CA ALA B 94 -3.70 18.96 4.38
C ALA B 94 -4.43 17.63 4.23
N LYS B 95 -3.85 16.69 3.48
CA LYS B 95 -4.47 15.38 3.33
C LYS B 95 -4.49 14.60 4.65
N LEU B 96 -3.39 14.63 5.40
CA LEU B 96 -3.30 13.79 6.59
C LEU B 96 -4.08 14.37 7.77
N SER B 97 -3.88 15.65 8.08
CA SER B 97 -4.50 16.26 9.24
C SER B 97 -6.02 16.27 9.16
N GLY B 98 -6.58 16.20 7.95
CA GLY B 98 -8.03 16.14 7.83
C GLY B 98 -8.62 14.80 8.19
N ALA B 99 -7.79 13.77 8.34
CA ALA B 99 -8.25 12.43 8.69
C ALA B 99 -7.69 11.95 10.02
N PHE B 100 -6.38 12.02 10.21
CA PHE B 100 -5.74 11.52 11.43
C PHE B 100 -4.61 12.47 11.79
N LEU B 101 -3.72 12.04 12.68
CA LEU B 101 -2.67 12.87 13.25
C LEU B 101 -1.32 12.53 12.63
N SER B 102 -0.64 13.55 12.12
CA SER B 102 0.74 13.47 11.72
C SER B 102 1.46 14.73 12.17
N ARG B 103 2.69 14.57 12.63
CA ARG B 103 3.49 15.70 13.08
C ARG B 103 3.78 16.63 11.90
N PRO B 104 4.11 17.89 12.17
CA PRO B 104 4.39 18.82 11.08
C PRO B 104 5.41 18.27 10.09
N ILE B 105 5.00 18.19 8.83
CA ILE B 105 5.78 17.54 7.79
C ILE B 105 6.74 18.55 7.18
N ASN B 106 8.01 18.19 7.13
CA ASN B 106 9.03 19.02 6.52
C ASN B 106 9.37 18.47 5.14
N THR B 107 10.05 19.29 4.35
CA THR B 107 10.55 18.86 3.05
C THR B 107 11.76 17.96 3.26
N ILE B 108 11.97 17.03 2.32
CA ILE B 108 13.12 16.14 2.41
C ILE B 108 14.41 16.94 2.39
N PHE B 109 14.40 18.08 1.70
CA PHE B 109 15.51 19.02 1.74
C PHE B 109 15.76 19.48 3.16
N HIS B 110 14.69 19.90 3.85
CA HIS B 110 14.82 20.30 5.25
C HIS B 110 15.22 19.13 6.13
N GLU B 111 14.88 17.91 5.72
CA GLU B 111 15.26 16.73 6.50
C GLU B 111 16.75 16.46 6.43
N PHE B 112 17.32 16.49 5.22
CA PHE B 112 18.70 16.07 5.06
C PHE B 112 19.71 17.19 5.28
N GLY B 113 19.24 18.41 5.56
CA GLY B 113 20.13 19.51 5.89
C GLY B 113 20.24 20.59 4.85
N PHE B 114 19.39 20.60 3.82
CA PHE B 114 19.46 21.62 2.79
C PHE B 114 19.02 22.97 3.36
N ARG B 115 19.93 23.94 3.36
CA ARG B 115 19.69 25.25 3.94
C ARG B 115 19.95 26.34 2.90
N GLY B 116 19.92 27.59 3.35
CA GLY B 116 20.02 28.71 2.43
C GLY B 116 21.34 28.77 1.69
N ASN B 117 22.45 28.61 2.42
CA ASN B 117 23.76 28.68 1.80
C ASN B 117 23.98 27.54 0.81
N HIS B 118 23.12 26.53 0.86
CA HIS B 118 23.18 25.42 -0.08
C HIS B 118 22.61 25.78 -1.44
N VAL B 119 21.81 26.84 -1.53
CA VAL B 119 21.23 27.23 -2.82
C VAL B 119 22.28 27.73 -3.79
N GLN B 120 23.32 28.43 -3.31
CA GLN B 120 24.31 29.05 -4.17
C GLN B 120 25.48 28.11 -4.50
N ALA B 121 25.39 26.85 -4.08
CA ALA B 121 26.46 25.90 -4.35
C ALA B 121 26.54 25.60 -5.85
N GLN B 122 27.78 25.52 -6.35
CA GLN B 122 28.03 25.28 -7.76
C GLN B 122 27.79 23.81 -8.05
N LEU B 123 26.64 23.50 -8.65
CA LEU B 123 26.26 22.13 -8.92
C LEU B 123 26.82 21.68 -10.27
N GLY B 124 27.47 20.52 -10.29
CA GLY B 124 28.12 20.04 -11.49
C GLY B 124 29.49 20.63 -11.73
N GLN B 125 30.16 21.09 -10.68
CA GLN B 125 31.45 21.75 -10.83
C GLN B 125 32.56 20.77 -11.19
N TYR B 126 32.61 19.63 -10.52
CA TYR B 126 33.75 18.75 -10.76
C TYR B 126 33.41 17.70 -11.80
N PRO B 127 34.39 17.25 -12.57
CA PRO B 127 34.14 16.28 -13.65
C PRO B 127 34.12 14.84 -13.16
N TYR B 128 33.31 14.03 -13.84
CA TYR B 128 33.25 12.60 -13.62
C TYR B 128 33.04 11.90 -14.95
N THR B 129 33.54 10.67 -15.03
CA THR B 129 33.35 9.80 -16.19
C THR B 129 33.04 8.40 -15.70
N LEU B 130 32.02 7.78 -16.29
CA LEU B 130 31.64 6.43 -15.89
C LEU B 130 32.76 5.45 -16.21
N THR B 131 33.03 4.54 -15.28
CA THR B 131 34.15 3.62 -15.40
C THR B 131 33.85 2.45 -16.33
N SER B 132 32.80 1.70 -16.03
CA SER B 132 32.45 0.51 -16.83
C SER B 132 30.95 0.56 -17.10
N ASN B 133 30.44 -0.51 -17.73
CA ASN B 133 29.03 -0.62 -18.04
C ASN B 133 28.67 -2.09 -18.13
N PRO B 134 27.58 -2.54 -17.49
CA PRO B 134 26.68 -1.80 -16.60
C PRO B 134 27.37 -1.20 -15.38
N ALA B 135 27.21 0.11 -15.17
CA ALA B 135 27.94 0.80 -14.11
C ALA B 135 27.56 0.26 -12.74
N SER B 136 28.56 -0.15 -11.98
CA SER B 136 28.34 -0.64 -10.63
C SER B 136 27.73 0.46 -9.77
N LEU B 137 26.80 0.07 -8.89
CA LEU B 137 26.13 1.04 -8.04
C LEU B 137 27.12 1.79 -7.16
N GLU B 138 28.25 1.18 -6.81
CA GLU B 138 29.32 1.89 -6.12
C GLU B 138 29.87 3.03 -6.94
N ASP B 139 29.84 2.92 -8.26
CA ASP B 139 30.22 4.02 -9.16
C ASP B 139 29.08 5.01 -9.36
N LEU B 140 27.84 4.53 -9.35
CA LEU B 140 26.67 5.40 -9.49
C LEU B 140 26.59 6.38 -8.31
N GLN B 141 26.75 5.85 -7.10
CA GLN B 141 26.72 6.71 -5.92
C GLN B 141 27.91 7.65 -5.90
N ARG B 142 29.08 7.16 -6.33
CA ARG B 142 30.26 8.00 -6.49
C ARG B 142 29.98 9.19 -7.42
N ARG B 143 29.37 8.91 -8.58
CA ARG B 143 29.07 9.97 -9.53
C ARG B 143 28.03 10.94 -8.98
N ASP B 144 27.01 10.41 -8.28
CA ASP B 144 25.98 11.27 -7.72
C ASP B 144 26.55 12.20 -6.65
N LEU B 145 27.47 11.68 -5.84
CA LEU B 145 28.15 12.54 -4.87
C LEU B 145 29.01 13.58 -5.57
N THR B 146 29.73 13.16 -6.62
CA THR B 146 30.62 14.10 -7.32
C THR B 146 29.83 15.24 -7.94
N TYR B 147 28.68 14.95 -8.54
CA TYR B 147 27.83 16.00 -9.10
C TYR B 147 27.36 16.97 -8.03
N TYR B 148 27.15 16.48 -6.80
CA TYR B 148 26.54 17.25 -5.74
C TYR B 148 27.53 17.53 -4.60
N TRP B 149 28.80 17.71 -4.92
CA TRP B 149 29.85 17.51 -3.93
C TRP B 149 29.89 18.64 -2.91
N GLU B 150 29.65 19.88 -3.34
CA GLU B 150 29.77 21.01 -2.42
C GLU B 150 28.77 20.88 -1.27
N VAL B 151 27.51 20.57 -1.60
CA VAL B 151 26.49 20.44 -0.58
C VAL B 151 26.79 19.27 0.35
N ILE B 152 27.21 18.13 -0.22
CA ILE B 152 27.54 16.95 0.59
C ILE B 152 28.67 17.26 1.56
N LEU B 153 29.71 17.91 1.06
CA LEU B 153 30.86 18.25 1.90
C LEU B 153 30.47 19.23 2.99
N ASP B 154 29.61 20.20 2.68
CA ASP B 154 29.22 21.15 3.72
C ASP B 154 28.32 20.47 4.76
N LEU B 155 27.47 19.53 4.32
CA LEU B 155 26.72 18.73 5.28
C LEU B 155 27.64 17.95 6.22
N THR B 156 28.67 17.32 5.66
CA THR B 156 29.59 16.57 6.50
C THR B 156 30.32 17.49 7.47
N LYS B 157 30.72 18.67 6.99
CA LYS B 157 31.42 19.63 7.86
C LYS B 157 30.51 20.08 9.00
N ARG B 158 29.25 20.39 8.71
CA ARG B 158 28.32 20.79 9.76
C ARG B 158 28.06 19.62 10.72
N ALA B 159 27.96 18.41 10.19
CA ALA B 159 27.68 17.24 11.04
C ALA B 159 28.82 16.99 12.02
N LEU B 160 30.07 17.13 11.58
CA LEU B 160 31.18 16.97 12.52
C LEU B 160 31.16 18.06 13.59
N ALA B 161 30.85 19.29 13.21
CA ALA B 161 30.77 20.38 14.17
C ALA B 161 29.33 20.57 14.65
N LEU B 200 17.24 17.18 17.37
CA LEU B 200 17.01 15.77 17.11
C LEU B 200 16.63 15.54 15.65
N PRO B 201 17.56 14.99 14.88
CA PRO B 201 17.26 14.67 13.48
C PRO B 201 16.18 13.61 13.37
N ALA B 202 15.32 13.76 12.36
CA ALA B 202 14.14 12.90 12.25
C ALA B 202 14.50 11.55 11.65
N PHE B 203 15.70 11.43 11.08
CA PHE B 203 16.08 10.17 10.45
C PHE B 203 16.45 9.13 11.49
N THR B 204 16.58 9.54 12.75
CA THR B 204 16.69 8.57 13.84
C THR B 204 15.35 7.92 14.14
N ARG B 205 14.24 8.59 13.82
CA ARG B 205 12.92 8.10 14.18
C ARG B 205 12.63 6.74 13.54
N SER B 206 12.82 6.66 12.23
CA SER B 206 12.50 5.43 11.49
C SER B 206 13.44 5.34 10.30
N ASN B 207 13.19 4.36 9.43
CA ASN B 207 13.97 4.18 8.21
C ASN B 207 13.17 4.26 6.93
N VAL B 208 11.84 4.29 7.00
CA VAL B 208 10.98 4.44 5.83
C VAL B 208 10.67 5.92 5.67
N ILE B 209 11.10 6.50 4.55
CA ILE B 209 10.96 7.92 4.29
C ILE B 209 10.08 8.09 3.06
N VAL B 210 8.94 8.74 3.23
CA VAL B 210 7.97 8.95 2.16
C VAL B 210 8.27 10.27 1.48
N ILE B 211 8.64 10.20 0.20
CA ILE B 211 9.00 11.36 -0.59
C ILE B 211 7.91 11.52 -1.64
N ASP B 212 6.95 12.39 -1.38
CA ASP B 212 5.90 12.65 -2.36
C ASP B 212 6.44 13.55 -3.47
N GLU B 213 5.81 13.43 -4.64
CA GLU B 213 6.20 14.19 -5.83
C GLU B 213 7.69 13.97 -6.14
N ALA B 214 8.10 12.71 -6.12
CA ALA B 214 9.51 12.39 -6.33
C ALA B 214 9.99 12.68 -7.74
N GLY B 215 9.06 12.89 -8.68
CA GLY B 215 9.47 13.27 -10.02
C GLY B 215 10.08 14.65 -10.09
N LEU B 216 9.80 15.48 -9.09
CA LEU B 216 10.33 16.83 -9.01
C LEU B 216 11.72 16.89 -8.43
N LEU B 217 12.26 15.77 -7.96
CA LEU B 217 13.58 15.71 -7.36
C LEU B 217 14.62 15.28 -8.38
N GLY B 218 15.80 15.89 -8.33
CA GLY B 218 16.88 15.47 -9.19
C GLY B 218 17.39 14.09 -8.79
N ARG B 219 17.84 13.34 -9.79
CA ARG B 219 18.25 11.97 -9.56
C ARG B 219 19.41 11.89 -8.57
N HIS B 220 20.37 12.81 -8.70
CA HIS B 220 21.54 12.80 -7.83
C HIS B 220 21.12 12.93 -6.37
N LEU B 221 20.13 13.80 -6.10
CA LEU B 221 19.61 13.97 -4.75
C LEU B 221 19.24 12.64 -4.11
N LEU B 222 18.71 11.70 -4.91
CA LEU B 222 18.43 10.36 -4.43
C LEU B 222 19.57 9.83 -3.58
N THR B 223 20.76 9.69 -4.20
CA THR B 223 21.90 9.16 -3.46
C THR B 223 22.17 10.00 -2.22
N ALA B 224 22.14 11.34 -2.39
CA ALA B 224 22.40 12.22 -1.27
C ALA B 224 21.50 11.86 -0.10
N VAL B 225 20.20 11.68 -0.35
CA VAL B 225 19.27 11.37 0.73
C VAL B 225 19.73 10.13 1.45
N VAL B 226 20.01 9.06 0.70
CA VAL B 226 20.51 7.84 1.32
C VAL B 226 21.78 8.14 2.10
N TYR B 227 22.74 8.80 1.45
CA TYR B 227 23.96 9.20 2.14
C TYR B 227 23.62 10.02 3.37
N CYS B 228 22.73 11.01 3.22
CA CYS B 228 22.36 11.84 4.36
C CYS B 228 21.80 10.99 5.48
N TRP B 229 20.96 10.01 5.12
CA TRP B 229 20.40 9.11 6.13
C TRP B 229 21.53 8.51 6.95
N TRP B 230 22.51 7.93 6.26
CA TRP B 230 23.60 7.26 6.96
C TRP B 230 24.32 8.26 7.86
N MET B 231 24.49 9.50 7.37
CA MET B 231 25.07 10.56 8.19
C MET B 231 24.53 10.49 9.60
N ILE B 232 23.22 10.65 9.73
CA ILE B 232 22.61 10.71 11.04
C ILE B 232 22.82 9.40 11.76
N ASN B 233 22.54 8.30 11.06
CA ASN B 233 22.66 6.98 11.65
C ASN B 233 24.12 6.59 11.90
N ALA B 234 25.06 7.33 11.30
CA ALA B 234 26.44 7.11 11.67
C ALA B 234 26.88 8.11 12.73
N LEU B 235 26.37 9.34 12.67
CA LEU B 235 26.92 10.39 13.51
C LEU B 235 26.46 10.23 14.95
N TYR B 236 25.19 9.89 15.17
CA TYR B 236 24.62 9.80 16.50
C TYR B 236 24.72 8.40 17.09
N HIS B 237 25.26 7.43 16.33
CA HIS B 237 25.27 6.03 16.72
C HIS B 237 23.86 5.56 17.06
N THR B 238 22.99 5.67 16.06
CA THR B 238 21.55 5.47 16.24
C THR B 238 21.24 4.00 16.53
N PRO B 239 20.18 3.74 17.30
CA PRO B 239 19.83 2.33 17.57
C PRO B 239 19.52 1.52 16.32
N GLN B 240 19.10 2.15 15.22
CA GLN B 240 19.01 1.42 13.96
C GLN B 240 20.38 1.02 13.43
N TYR B 241 21.40 1.84 13.65
CA TYR B 241 22.76 1.48 13.25
C TYR B 241 23.22 0.21 13.96
N ALA B 242 22.98 0.14 15.28
CA ALA B 242 23.31 -1.07 16.02
C ALA B 242 22.44 -2.24 15.58
N ALA B 243 21.26 -1.95 15.02
CA ALA B 243 20.37 -2.98 14.50
C ALA B 243 20.62 -3.31 13.04
N ARG B 244 21.61 -2.67 12.41
CA ARG B 244 21.97 -2.93 11.01
C ARG B 244 20.78 -2.74 10.07
N LEU B 245 19.92 -1.77 10.38
CA LEU B 245 18.78 -1.49 9.52
C LEU B 245 19.21 -0.68 8.30
N ARG B 246 18.46 -0.84 7.20
CA ARG B 246 18.73 -0.18 5.94
C ARG B 246 17.68 0.89 5.65
N PRO B 247 18.08 2.06 5.14
CA PRO B 247 17.09 3.08 4.82
C PRO B 247 16.21 2.67 3.65
N VAL B 248 14.92 2.91 3.79
CA VAL B 248 13.92 2.58 2.77
C VAL B 248 13.25 3.87 2.32
N LEU B 249 13.11 4.03 1.01
CA LEU B 249 12.48 5.20 0.43
C LEU B 249 11.18 4.80 -0.23
N VAL B 250 10.15 5.63 -0.07
CA VAL B 250 8.85 5.43 -0.70
C VAL B 250 8.63 6.66 -1.58
N CYS B 251 9.02 6.56 -2.85
CA CYS B 251 8.98 7.68 -3.77
C CYS B 251 7.63 7.67 -4.48
N VAL B 252 6.77 8.62 -4.14
CA VAL B 252 5.42 8.68 -4.70
C VAL B 252 5.30 9.86 -5.64
N GLY B 253 5.11 9.59 -6.92
CA GLY B 253 4.96 10.67 -7.89
C GLY B 253 4.79 10.10 -9.28
N SER B 254 4.61 11.01 -10.23
CA SER B 254 4.42 10.65 -11.63
C SER B 254 5.69 10.99 -12.41
N PRO B 255 6.38 10.00 -12.98
CA PRO B 255 7.58 10.29 -13.77
C PRO B 255 7.27 10.96 -15.11
N THR B 256 6.01 10.98 -15.53
CA THR B 256 5.64 11.56 -16.81
C THR B 256 5.60 13.08 -16.76
N GLN B 257 5.22 13.65 -15.62
CA GLN B 257 5.05 15.09 -15.50
C GLN B 257 6.37 15.85 -15.58
N THR B 258 7.51 15.18 -15.42
CA THR B 258 8.80 15.83 -15.50
C THR B 258 9.63 15.19 -16.62
N ALA B 259 10.14 16.03 -17.52
CA ALA B 259 10.95 15.57 -18.64
C ALA B 259 12.21 16.41 -18.74
N SER B 260 13.32 15.77 -19.07
CA SER B 260 14.59 16.46 -19.20
C SER B 260 14.59 17.39 -20.41
N LEU B 261 15.26 18.52 -20.28
CA LEU B 261 15.39 19.48 -21.37
C LEU B 261 16.85 19.69 -21.76
N GLU B 278 16.43 13.63 -16.34
CA GLU B 278 16.06 12.34 -15.78
C GLU B 278 16.03 12.41 -14.26
N ASN B 279 14.82 12.36 -13.69
CA ASN B 279 14.64 12.50 -12.26
C ASN B 279 14.66 11.15 -11.57
N VAL B 280 14.36 11.16 -10.26
CA VAL B 280 14.55 9.98 -9.42
C VAL B 280 13.70 8.82 -9.91
N LEU B 281 12.42 9.08 -10.18
CA LEU B 281 11.55 8.02 -10.67
C LEU B 281 12.05 7.48 -12.00
N THR B 282 12.44 8.38 -12.90
CA THR B 282 12.95 7.96 -14.21
C THR B 282 14.30 7.29 -14.07
N TYR B 283 15.17 7.79 -13.19
CA TYR B 283 16.49 7.21 -13.03
C TYR B 283 16.41 5.83 -12.38
N LEU B 284 15.33 5.54 -11.66
CA LEU B 284 15.12 4.22 -11.08
C LEU B 284 14.43 3.28 -12.07
N ILE B 285 13.47 3.78 -12.84
CA ILE B 285 12.78 2.93 -13.82
C ILE B 285 13.71 2.53 -14.95
N CYS B 286 14.60 3.43 -15.38
CA CYS B 286 15.37 3.21 -16.60
C CYS B 286 16.69 2.49 -16.34
N ASN B 287 17.44 2.93 -15.33
CA ASN B 287 18.79 2.40 -15.12
C ASN B 287 18.74 0.91 -14.78
N ARG B 288 19.47 0.11 -15.56
CA ARG B 288 19.48 -1.34 -15.37
C ARG B 288 20.06 -1.73 -14.01
N THR B 289 21.13 -1.06 -13.58
CA THR B 289 21.76 -1.40 -12.31
C THR B 289 20.82 -1.19 -11.14
N LEU B 290 20.11 -0.06 -11.12
CA LEU B 290 19.15 0.18 -10.04
C LEU B 290 17.93 -0.71 -10.20
N ARG B 291 17.54 -1.01 -11.43
CA ARG B 291 16.44 -1.94 -11.67
C ARG B 291 16.74 -3.32 -11.11
N GLU B 292 18.01 -3.74 -11.16
CA GLU B 292 18.41 -5.05 -10.63
C GLU B 292 18.61 -5.03 -9.13
N TYR B 293 19.37 -4.03 -8.63
CA TYR B 293 19.67 -3.98 -7.20
C TYR B 293 18.41 -3.77 -6.36
N ALA B 294 17.54 -2.85 -6.78
CA ALA B 294 16.37 -2.50 -5.98
C ALA B 294 15.26 -3.52 -6.08
N ARG B 295 15.38 -4.49 -7.00
CA ARG B 295 14.33 -5.49 -7.23
C ARG B 295 13.00 -4.80 -7.51
N LEU B 296 13.06 -3.80 -8.40
CA LEU B 296 11.94 -2.89 -8.58
C LEU B 296 10.72 -3.58 -9.18
N SER B 297 10.90 -4.79 -9.72
CA SER B 297 9.77 -5.51 -10.29
C SER B 297 8.78 -5.97 -9.22
N TYR B 298 9.27 -6.22 -8.01
CA TYR B 298 8.43 -6.71 -6.92
C TYR B 298 8.11 -5.64 -5.89
N SER B 299 8.51 -4.39 -6.14
CA SER B 299 8.37 -3.32 -5.16
C SER B 299 7.82 -2.07 -5.83
N TRP B 300 6.74 -2.21 -6.59
CA TRP B 300 6.28 -1.12 -7.44
C TRP B 300 4.75 -1.13 -7.49
N ALA B 301 4.15 0.05 -7.39
CA ALA B 301 2.72 0.21 -7.41
C ALA B 301 2.32 1.26 -8.43
N ILE B 302 1.19 1.03 -9.09
CA ILE B 302 0.64 1.98 -10.06
C ILE B 302 -0.83 2.20 -9.73
N PHE B 303 -1.20 3.45 -9.47
CA PHE B 303 -2.57 3.83 -9.20
C PHE B 303 -3.19 4.40 -10.46
N ILE B 304 -4.21 3.71 -10.98
CA ILE B 304 -4.82 4.07 -12.25
C ILE B 304 -6.31 4.30 -12.01
N ASN B 305 -6.86 5.33 -12.64
CA ASN B 305 -8.28 5.61 -12.56
C ASN B 305 -9.07 4.61 -13.41
N ILE B 828 2.54 8.41 -25.00
CA ILE B 828 2.67 6.99 -25.26
C ILE B 828 3.06 6.26 -23.98
N SER B 829 4.12 6.75 -23.33
CA SER B 829 4.60 6.22 -22.06
C SER B 829 4.95 4.74 -22.16
N GLU B 830 5.92 4.41 -23.02
CA GLU B 830 6.40 3.05 -23.18
C GLU B 830 6.88 2.50 -21.85
N HIS B 831 7.39 3.37 -20.98
CA HIS B 831 7.85 2.94 -19.67
C HIS B 831 6.70 2.37 -18.85
N ILE B 832 5.57 3.06 -18.79
CA ILE B 832 4.47 2.59 -17.96
C ILE B 832 3.77 1.41 -18.66
N LEU B 833 3.82 1.38 -20.00
CA LEU B 833 3.37 0.19 -20.71
C LEU B 833 4.17 -1.05 -20.28
N SER B 834 5.50 -0.93 -20.24
CA SER B 834 6.31 -2.06 -19.81
C SER B 834 6.05 -2.40 -18.34
N ALA B 835 5.76 -1.37 -17.53
CA ALA B 835 5.40 -1.61 -16.13
C ALA B 835 4.14 -2.47 -16.03
N LEU B 836 3.08 -2.08 -16.74
CA LEU B 836 1.86 -2.89 -16.78
C LEU B 836 2.09 -4.27 -17.38
N ARG B 837 2.99 -4.39 -18.36
CA ARG B 837 3.36 -5.69 -18.89
C ARG B 837 4.00 -6.59 -17.85
N ASP B 838 4.82 -6.02 -16.96
CA ASP B 838 5.47 -6.81 -15.90
C ASP B 838 4.43 -7.34 -14.94
N PRO B 839 4.31 -8.66 -14.77
CA PRO B 839 3.24 -9.20 -13.92
C PRO B 839 3.38 -8.91 -12.43
N ASN B 840 4.58 -8.59 -11.95
CA ASN B 840 4.85 -8.62 -10.53
C ASN B 840 4.70 -7.27 -9.83
N VAL B 841 4.28 -6.23 -10.53
CA VAL B 841 4.04 -4.92 -9.93
C VAL B 841 2.55 -4.79 -9.66
N VAL B 842 2.22 -4.21 -8.51
CA VAL B 842 0.81 -4.11 -8.12
C VAL B 842 0.18 -2.89 -8.79
N ILE B 843 -1.06 -3.05 -9.25
CA ILE B 843 -1.86 -1.95 -9.79
C ILE B 843 -3.17 -1.87 -9.01
N VAL B 844 -3.48 -0.68 -8.52
CA VAL B 844 -4.59 -0.46 -7.61
C VAL B 844 -5.69 0.33 -8.30
N TYR B 845 -6.90 -0.19 -8.25
CA TYR B 845 -8.09 0.49 -8.76
C TYR B 845 -9.09 0.70 -7.62
#